data_9M24
#
_entry.id   9M24
#
_cell.length_a   126.112
_cell.length_b   76.582
_cell.length_c   48.269
_cell.angle_alpha   90
_cell.angle_beta   105.39
_cell.angle_gamma   90
#
_symmetry.space_group_name_H-M   'C 1 2 1'
#
loop_
_entity.id
_entity.type
_entity.pdbx_description
1 polymer 'Kelch-like ECH-associated protein 1'
2 non-polymer '4-[3-[2-chloro-4-[(2R,5R)-2,4,5-trimethylpiperazin-1-yl]benzoyl]-2,4-dihydro-1,3-benzoxazin-8-yl]-5-fluoro-2-(3-oxa-8-azabicyclo[3.2.1]octan-8-yl)benzoic acid'
3 non-polymer 'ACETATE ION'
4 non-polymer 'DIMETHYL SULFOXIDE'
5 water water
#
_entity_poly.entity_id   1
_entity_poly.type   'polypeptide(L)'
_entity_poly.pdbx_seq_one_letter_code
;GSHMAPKVGRLIYTAGGYFRQSLSYLEAYNPSDGTWLRLADLQVPRSGLAGCVVGGLLYAVGGRNNSPDGNTDSSALDCY
NPMTNQWSPCAPMSVPRNRIGVGVIDGHIYAVGGSHGCIHHNSVERYEPERDEWHLVAPMLTRRIGVGVAVLNRLLYAVG
GFDGTNRLNSAECYYPERNEWRMITAMNTIRSGAGVCVLHNCIYAAGGYDGQDQLNSVERYDVATATWTFVAPMKHRRSA
LGITVHQGRIYVLGGYDGHTFLDSVECYDPDTDTWSEVTRMTSGRSGVGVAVT
;
_entity_poly.pdbx_strand_id   A
#
# COMPACT_ATOMS: atom_id res chain seq x y z
N GLY A 9 -11.62 -7.12 18.80
CA GLY A 9 -10.26 -6.66 18.59
C GLY A 9 -9.81 -6.94 17.15
N ARG A 10 -8.92 -6.10 16.64
CA ARG A 10 -8.40 -6.26 15.30
C ARG A 10 -6.89 -6.25 15.36
N LEU A 11 -6.25 -6.93 14.42
CA LEU A 11 -4.79 -6.97 14.36
C LEU A 11 -4.29 -6.30 13.07
N ILE A 12 -3.01 -5.88 13.09
CA ILE A 12 -2.37 -5.31 11.91
C ILE A 12 -1.57 -6.44 11.27
N TYR A 13 -1.97 -6.89 10.08
CA TYR A 13 -1.29 -7.97 9.36
C TYR A 13 -0.27 -7.44 8.40
N THR A 14 0.93 -8.06 8.36
CA THR A 14 1.98 -7.66 7.42
C THR A 14 2.36 -8.91 6.62
N ALA A 15 2.27 -8.81 5.29
CA ALA A 15 2.55 -9.93 4.43
C ALA A 15 3.66 -9.62 3.46
N GLY A 16 4.56 -10.60 3.31
CA GLY A 16 5.65 -10.50 2.34
C GLY A 16 6.68 -9.47 2.70
N GLY A 17 7.31 -8.90 1.69
CA GLY A 17 8.33 -7.89 1.88
C GLY A 17 9.65 -8.27 1.26
N TYR A 18 10.70 -7.54 1.62
CA TYR A 18 12.02 -7.78 1.03
C TYR A 18 13.09 -7.52 2.07
N PHE A 19 14.07 -8.42 2.11
CA PHE A 19 15.32 -8.28 2.88
C PHE A 19 16.22 -9.34 2.25
N ARG A 20 17.16 -8.88 1.40
CA ARG A 20 18.07 -9.69 0.58
C ARG A 20 17.36 -10.34 -0.59
N GLN A 21 16.13 -10.79 -0.37
CA GLN A 21 15.29 -11.39 -1.39
C GLN A 21 13.83 -11.18 -0.93
N SER A 22 12.86 -11.47 -1.80
CA SER A 22 11.44 -11.35 -1.44
C SER A 22 11.10 -12.36 -0.37
N LEU A 23 10.20 -11.98 0.53
CA LEU A 23 9.87 -12.73 1.71
C LEU A 23 8.48 -13.36 1.69
N SER A 24 8.30 -14.41 2.52
CA SER A 24 7.00 -15.10 2.61
C SER A 24 6.29 -14.83 3.94
N TYR A 25 6.87 -14.03 4.85
CA TYR A 25 6.31 -13.87 6.18
C TYR A 25 4.90 -13.31 6.21
N LEU A 26 4.07 -13.84 7.09
CA LEU A 26 2.78 -13.28 7.40
C LEU A 26 2.77 -13.20 8.92
N GLU A 27 2.72 -11.99 9.47
CA GLU A 27 2.71 -11.75 10.91
C GLU A 27 1.61 -10.77 11.27
N ALA A 28 1.09 -10.85 12.50
CA ALA A 28 0.01 -9.98 12.93
C ALA A 28 0.35 -9.33 14.27
N TYR A 29 0.34 -7.99 14.28
CA TYR A 29 0.67 -7.19 15.44
C TYR A 29 -0.58 -6.79 16.18
N ASN A 30 -0.55 -6.90 17.50
CA ASN A 30 -1.67 -6.49 18.34
C ASN A 30 -1.22 -5.23 19.05
N PRO A 31 -1.76 -4.05 18.67
CA PRO A 31 -1.33 -2.82 19.34
C PRO A 31 -1.65 -2.74 20.84
N SER A 32 -2.61 -3.55 21.35
CA SER A 32 -2.97 -3.54 22.77
C SER A 32 -1.89 -4.17 23.65
N ASP A 33 -1.40 -5.38 23.27
CA ASP A 33 -0.39 -6.06 24.09
C ASP A 33 1.04 -6.04 23.51
N GLY A 34 1.22 -5.46 22.32
CA GLY A 34 2.54 -5.37 21.68
C GLY A 34 3.09 -6.67 21.10
N THR A 35 2.26 -7.72 20.97
CA THR A 35 2.74 -9.00 20.46
C THR A 35 2.62 -9.15 18.92
N TRP A 36 3.45 -10.03 18.37
CA TRP A 36 3.43 -10.41 16.96
C TRP A 36 3.13 -11.92 16.86
N LEU A 37 2.11 -12.30 16.11
CA LEU A 37 1.82 -13.71 15.85
C LEU A 37 2.55 -14.08 14.57
N ARG A 38 3.13 -15.29 14.52
CA ARG A 38 3.77 -15.76 13.30
C ARG A 38 2.73 -16.67 12.67
N LEU A 39 2.22 -16.25 11.51
CA LEU A 39 1.15 -16.98 10.84
C LEU A 39 1.65 -17.78 9.64
N ALA A 40 0.74 -18.46 8.89
CA ALA A 40 1.16 -19.26 7.76
C ALA A 40 1.89 -18.42 6.71
N ASP A 41 3.07 -18.89 6.26
CA ASP A 41 3.82 -18.21 5.21
C ASP A 41 2.98 -18.12 3.93
N LEU A 42 3.25 -17.09 3.11
CA LEU A 42 2.69 -17.01 1.76
C LEU A 42 3.23 -18.22 0.96
N GLN A 43 2.43 -18.77 0.03
CA GLN A 43 2.89 -19.89 -0.80
C GLN A 43 4.06 -19.45 -1.71
N VAL A 44 4.07 -18.19 -2.16
CA VAL A 44 5.14 -17.68 -3.03
C VAL A 44 5.67 -16.42 -2.40
N PRO A 45 6.99 -16.28 -2.21
CA PRO A 45 7.51 -15.04 -1.63
C PRO A 45 7.18 -13.84 -2.52
N ARG A 46 6.92 -12.68 -1.92
CA ARG A 46 6.68 -11.49 -2.73
C ARG A 46 6.94 -10.21 -1.98
N SER A 47 7.52 -9.26 -2.67
CA SER A 47 7.70 -7.89 -2.22
C SER A 47 6.92 -7.02 -3.23
N GLY A 48 6.64 -5.77 -2.88
CA GLY A 48 5.94 -4.86 -3.78
C GLY A 48 4.48 -5.24 -3.99
N LEU A 49 3.93 -6.06 -3.11
CA LEU A 49 2.51 -6.44 -3.15
C LEU A 49 1.73 -5.41 -2.31
N ALA A 50 0.42 -5.52 -2.34
CA ALA A 50 -0.42 -4.72 -1.49
C ALA A 50 -1.38 -5.65 -0.78
N GLY A 51 -1.79 -5.27 0.41
CA GLY A 51 -2.78 -6.01 1.15
C GLY A 51 -4.08 -5.25 1.31
N CYS A 52 -5.17 -6.00 1.53
CA CYS A 52 -6.46 -5.38 1.83
C CYS A 52 -7.36 -6.44 2.45
N VAL A 53 -8.50 -6.02 3.01
CA VAL A 53 -9.40 -6.98 3.65
C VAL A 53 -10.78 -6.83 3.09
N VAL A 54 -11.46 -7.96 2.84
CA VAL A 54 -12.89 -7.91 2.46
C VAL A 54 -13.54 -9.05 3.23
N GLY A 55 -14.63 -8.76 3.95
CA GLY A 55 -15.38 -9.81 4.66
C GLY A 55 -14.55 -10.62 5.65
N GLY A 56 -13.62 -9.94 6.34
CA GLY A 56 -12.72 -10.54 7.32
C GLY A 56 -11.61 -11.40 6.72
N LEU A 57 -11.52 -11.46 5.36
CA LEU A 57 -10.46 -12.23 4.71
C LEU A 57 -9.36 -11.26 4.25
N LEU A 58 -8.08 -11.65 4.42
CA LEU A 58 -6.97 -10.81 4.00
C LEU A 58 -6.58 -11.22 2.56
N TYR A 59 -6.30 -10.25 1.69
CA TYR A 59 -5.87 -10.52 0.34
C TYR A 59 -4.46 -9.96 0.11
N ALA A 60 -3.59 -10.74 -0.55
CA ALA A 60 -2.24 -10.32 -0.94
C ALA A 60 -2.31 -10.23 -2.46
N VAL A 61 -2.02 -9.05 -3.01
CA VAL A 61 -2.24 -8.75 -4.42
C VAL A 61 -0.95 -8.35 -5.10
N GLY A 62 -0.65 -8.98 -6.23
CA GLY A 62 0.51 -8.60 -7.02
C GLY A 62 1.84 -8.75 -6.32
N GLY A 63 2.80 -7.94 -6.74
CA GLY A 63 4.15 -8.00 -6.21
C GLY A 63 5.13 -8.63 -7.17
N ARG A 64 6.25 -9.12 -6.61
CA ARG A 64 7.31 -9.74 -7.41
C ARG A 64 8.06 -10.68 -6.49
N ASN A 65 8.52 -11.79 -7.04
CA ASN A 65 9.41 -12.69 -6.31
C ASN A 65 10.84 -12.43 -6.86
N ASN A 66 11.62 -11.69 -6.11
CA ASN A 66 13.01 -11.36 -6.41
C ASN A 66 13.78 -12.41 -5.61
N SER A 67 14.30 -13.42 -6.27
CA SER A 67 15.01 -14.51 -5.61
C SER A 67 16.43 -14.67 -6.21
N PRO A 68 17.32 -15.46 -5.58
CA PRO A 68 18.65 -15.67 -6.19
C PRO A 68 18.56 -16.32 -7.58
N ASP A 69 17.48 -17.08 -7.85
CA ASP A 69 17.25 -17.75 -9.15
C ASP A 69 16.59 -16.87 -10.23
N GLY A 70 16.21 -15.64 -9.91
CA GLY A 70 15.59 -14.75 -10.88
C GLY A 70 14.52 -13.82 -10.32
N ASN A 71 13.88 -13.04 -11.19
CA ASN A 71 12.83 -12.11 -10.78
C ASN A 71 11.57 -12.41 -11.57
N THR A 72 10.43 -12.57 -10.86
CA THR A 72 9.18 -12.82 -11.55
C THR A 72 8.09 -11.91 -10.97
N ASP A 73 7.55 -10.99 -11.78
CA ASP A 73 6.46 -10.16 -11.31
C ASP A 73 5.21 -11.02 -11.16
N SER A 74 4.35 -10.64 -10.23
CA SER A 74 3.18 -11.42 -9.91
C SER A 74 1.84 -10.84 -10.31
N SER A 75 1.02 -11.68 -10.92
CA SER A 75 -0.38 -11.34 -11.21
C SER A 75 -1.30 -12.04 -10.17
N ALA A 76 -0.72 -12.66 -9.13
CA ALA A 76 -1.49 -13.44 -8.19
C ALA A 76 -2.37 -12.63 -7.26
N LEU A 77 -3.48 -13.26 -6.89
CA LEU A 77 -4.34 -12.79 -5.85
C LEU A 77 -4.46 -14.00 -4.90
N ASP A 78 -4.03 -13.83 -3.65
CA ASP A 78 -4.12 -14.93 -2.68
C ASP A 78 -4.93 -14.46 -1.50
N CYS A 79 -5.70 -15.37 -0.93
CA CYS A 79 -6.62 -15.04 0.14
C CYS A 79 -6.26 -15.80 1.40
N TYR A 80 -6.19 -15.10 2.54
CA TYR A 80 -5.86 -15.72 3.81
C TYR A 80 -7.04 -15.57 4.74
N ASN A 81 -7.44 -16.67 5.37
CA ASN A 81 -8.50 -16.61 6.35
C ASN A 81 -7.90 -16.71 7.77
N PRO A 82 -7.97 -15.63 8.56
CA PRO A 82 -7.46 -15.69 9.94
C PRO A 82 -8.04 -16.84 10.77
N MET A 83 -9.31 -17.24 10.48
CA MET A 83 -9.95 -18.34 11.24
C MET A 83 -9.34 -19.71 10.94
N THR A 84 -8.79 -19.90 9.73
CA THR A 84 -8.23 -21.20 9.34
C THR A 84 -6.71 -21.22 9.23
N ASN A 85 -6.05 -20.03 9.31
CA ASN A 85 -4.60 -19.92 9.14
C ASN A 85 -4.14 -20.51 7.81
N GLN A 86 -4.99 -20.42 6.77
CA GLN A 86 -4.63 -21.00 5.48
C GLN A 86 -4.69 -19.94 4.34
N TRP A 87 -3.73 -20.00 3.40
CA TRP A 87 -3.74 -19.19 2.19
C TRP A 87 -4.40 -20.04 1.07
N SER A 88 -5.24 -19.40 0.23
CA SER A 88 -5.83 -20.08 -0.92
C SER A 88 -5.64 -19.18 -2.13
N PRO A 89 -5.24 -19.75 -3.27
CA PRO A 89 -5.17 -18.94 -4.50
C PRO A 89 -6.57 -18.50 -4.96
N CYS A 90 -6.64 -17.29 -5.47
CA CYS A 90 -7.82 -16.74 -6.10
C CYS A 90 -7.53 -16.54 -7.58
N ALA A 91 -8.54 -16.05 -8.34
CA ALA A 91 -8.35 -15.75 -9.75
C ALA A 91 -7.23 -14.72 -9.92
N PRO A 92 -6.29 -14.98 -10.83
CA PRO A 92 -5.21 -14.00 -11.03
C PRO A 92 -5.70 -12.76 -11.82
N MET A 93 -4.93 -11.68 -11.74
CA MET A 93 -5.23 -10.45 -12.46
C MET A 93 -4.86 -10.65 -13.94
N SER A 94 -5.33 -9.71 -14.81
CA SER A 94 -5.05 -9.76 -16.25
C SER A 94 -3.54 -9.70 -16.54
N VAL A 95 -2.79 -8.99 -15.69
CA VAL A 95 -1.36 -8.78 -15.88
C VAL A 95 -0.62 -8.80 -14.54
N PRO A 96 0.69 -9.09 -14.56
CA PRO A 96 1.47 -8.97 -13.30
C PRO A 96 1.56 -7.48 -12.91
N ARG A 97 1.52 -7.20 -11.61
CA ARG A 97 1.59 -5.83 -11.11
C ARG A 97 2.46 -5.76 -9.87
N ASN A 98 3.71 -5.41 -10.09
CA ASN A 98 4.66 -5.22 -9.01
C ASN A 98 4.64 -3.74 -8.58
N ARG A 99 4.85 -3.47 -7.26
CA ARG A 99 4.79 -2.09 -6.76
C ARG A 99 3.39 -1.51 -7.02
N ILE A 100 2.38 -2.34 -6.72
CA ILE A 100 0.98 -2.07 -6.98
C ILE A 100 0.36 -1.28 -5.82
N GLY A 101 -0.76 -0.62 -6.11
CA GLY A 101 -1.58 0.02 -5.11
C GLY A 101 -2.94 -0.67 -5.12
N VAL A 102 -3.60 -0.76 -3.96
CA VAL A 102 -4.92 -1.41 -3.92
C VAL A 102 -5.88 -0.60 -3.04
N GLY A 103 -7.16 -0.61 -3.39
CA GLY A 103 -8.19 0.00 -2.55
C GLY A 103 -9.47 -0.81 -2.65
N VAL A 104 -10.31 -0.76 -1.62
CA VAL A 104 -11.56 -1.52 -1.62
C VAL A 104 -12.75 -0.59 -1.61
N ILE A 105 -13.74 -0.85 -2.47
CA ILE A 105 -14.99 -0.10 -2.45
C ILE A 105 -16.11 -1.10 -2.48
N ASP A 106 -17.05 -1.02 -1.52
CA ASP A 106 -18.16 -1.96 -1.50
C ASP A 106 -17.77 -3.45 -1.60
N GLY A 107 -16.69 -3.81 -0.91
CA GLY A 107 -16.24 -5.21 -0.90
C GLY A 107 -15.61 -5.66 -2.22
N HIS A 108 -15.22 -4.72 -3.08
CA HIS A 108 -14.59 -4.99 -4.37
C HIS A 108 -13.16 -4.45 -4.37
N ILE A 109 -12.22 -5.28 -4.79
CA ILE A 109 -10.80 -4.88 -4.74
C ILE A 109 -10.36 -4.23 -6.03
N TYR A 110 -9.76 -3.03 -5.94
CA TYR A 110 -9.23 -2.38 -7.13
C TYR A 110 -7.72 -2.55 -7.11
N ALA A 111 -7.16 -3.09 -8.19
CA ALA A 111 -5.71 -3.27 -8.35
C ALA A 111 -5.28 -2.17 -9.30
N VAL A 112 -4.42 -1.28 -8.82
CA VAL A 112 -4.06 -0.07 -9.53
C VAL A 112 -2.60 -0.07 -9.97
N GLY A 113 -2.39 0.18 -11.27
CA GLY A 113 -1.04 0.35 -11.80
C GLY A 113 -0.06 -0.78 -11.49
N GLY A 114 1.14 -0.41 -11.09
CA GLY A 114 2.19 -1.39 -10.89
C GLY A 114 2.89 -1.73 -12.19
N SER A 115 3.98 -2.53 -12.12
CA SER A 115 4.79 -2.83 -13.28
C SER A 115 4.87 -4.33 -13.58
N HIS A 116 5.19 -4.65 -14.84
CA HIS A 116 5.49 -6.01 -15.26
C HIS A 116 6.74 -5.79 -16.11
N GLY A 117 7.91 -6.08 -15.55
CA GLY A 117 9.19 -5.78 -16.21
C GLY A 117 9.30 -4.28 -16.43
N CYS A 118 9.53 -3.86 -17.69
CA CYS A 118 9.59 -2.44 -18.02
C CYS A 118 8.24 -1.83 -18.37
N ILE A 119 7.14 -2.58 -18.26
CA ILE A 119 5.83 -2.02 -18.53
C ILE A 119 5.31 -1.39 -17.26
N HIS A 120 4.94 -0.10 -17.30
CA HIS A 120 4.41 0.65 -16.17
C HIS A 120 2.93 0.85 -16.48
N HIS A 121 2.07 0.08 -15.78
CA HIS A 121 0.67 0.12 -16.09
C HIS A 121 -0.04 1.41 -15.71
N ASN A 122 -0.92 1.92 -16.59
CA ASN A 122 -1.93 2.88 -16.17
C ASN A 122 -3.27 2.07 -16.00
N SER A 123 -3.33 0.79 -16.42
CA SER A 123 -4.54 0.00 -16.31
C SER A 123 -4.93 -0.26 -14.83
N VAL A 124 -6.22 -0.48 -14.63
CA VAL A 124 -6.80 -0.72 -13.31
C VAL A 124 -7.84 -1.80 -13.46
N GLU A 125 -7.89 -2.74 -12.54
CA GLU A 125 -8.86 -3.83 -12.62
C GLU A 125 -9.53 -4.03 -11.28
N ARG A 126 -10.73 -4.60 -11.31
CA ARG A 126 -11.55 -4.76 -10.10
C ARG A 126 -11.94 -6.21 -9.88
N TYR A 127 -11.78 -6.69 -8.65
CA TYR A 127 -12.09 -8.07 -8.28
C TYR A 127 -13.36 -8.14 -7.49
N GLU A 128 -14.19 -9.16 -7.79
CA GLU A 128 -15.39 -9.42 -7.03
C GLU A 128 -15.19 -10.73 -6.26
N PRO A 129 -14.99 -10.67 -4.95
CA PRO A 129 -14.88 -11.93 -4.17
C PRO A 129 -16.10 -12.84 -4.32
N GLU A 130 -17.29 -12.25 -4.50
CA GLU A 130 -18.55 -13.00 -4.63
C GLU A 130 -18.62 -13.87 -5.89
N ARG A 131 -17.79 -13.57 -6.91
CA ARG A 131 -17.73 -14.34 -8.17
C ARG A 131 -16.31 -14.90 -8.48
N ASP A 132 -15.29 -14.47 -7.71
CA ASP A 132 -13.90 -14.85 -7.95
C ASP A 132 -13.50 -14.49 -9.38
N GLU A 133 -13.81 -13.24 -9.77
CA GLU A 133 -13.50 -12.72 -11.10
C GLU A 133 -12.93 -11.31 -11.04
N TRP A 134 -11.99 -11.03 -11.95
CA TRP A 134 -11.43 -9.71 -12.16
C TRP A 134 -11.99 -9.18 -13.50
N HIS A 135 -12.18 -7.87 -13.59
CA HIS A 135 -12.50 -7.20 -14.84
C HIS A 135 -11.80 -5.87 -14.86
N LEU A 136 -11.32 -5.47 -16.03
CA LEU A 136 -10.72 -4.17 -16.18
C LEU A 136 -11.79 -3.06 -16.06
N VAL A 137 -11.38 -1.91 -15.48
CA VAL A 137 -12.21 -0.70 -15.43
C VAL A 137 -11.45 0.36 -16.26
N ALA A 138 -11.96 1.63 -16.36
CA ALA A 138 -11.23 2.66 -17.09
C ALA A 138 -9.79 2.80 -16.57
N PRO A 139 -8.82 2.98 -17.48
CA PRO A 139 -7.43 3.15 -17.03
C PRO A 139 -7.20 4.56 -16.49
N MET A 140 -6.16 4.67 -15.67
CA MET A 140 -5.77 5.97 -15.14
C MET A 140 -5.27 6.89 -16.26
N LEU A 141 -5.25 8.17 -15.98
CA LEU A 141 -4.67 9.15 -16.90
C LEU A 141 -3.15 9.05 -16.94
N THR A 142 -2.53 8.50 -15.90
CA THR A 142 -1.09 8.41 -15.78
C THR A 142 -0.69 6.97 -15.43
N ARG A 143 0.44 6.52 -15.99
CA ARG A 143 1.02 5.23 -15.61
C ARG A 143 1.58 5.42 -14.22
N ARG A 144 1.31 4.48 -13.28
CA ARG A 144 1.83 4.68 -11.92
C ARG A 144 2.27 3.39 -11.26
N ILE A 145 3.54 3.33 -10.90
CA ILE A 145 4.09 2.22 -10.12
CA ILE A 145 4.07 2.21 -10.11
C ILE A 145 4.56 2.83 -8.80
N GLY A 146 4.64 2.05 -7.71
CA GLY A 146 5.01 2.63 -6.41
C GLY A 146 3.94 3.66 -6.01
N VAL A 147 2.68 3.39 -6.43
CA VAL A 147 1.52 4.26 -6.25
C VAL A 147 0.79 4.02 -4.90
N GLY A 148 0.34 5.11 -4.30
CA GLY A 148 -0.47 5.03 -3.08
C GLY A 148 -1.93 5.08 -3.50
N VAL A 149 -2.80 4.34 -2.80
CA VAL A 149 -4.22 4.30 -3.13
C VAL A 149 -5.04 4.58 -1.88
N ALA A 150 -6.06 5.42 -2.00
CA ALA A 150 -6.91 5.79 -0.89
C ALA A 150 -8.37 5.70 -1.34
N VAL A 151 -9.29 5.27 -0.47
CA VAL A 151 -10.71 5.29 -0.82
C VAL A 151 -11.39 6.27 0.11
N LEU A 152 -12.13 7.22 -0.45
CA LEU A 152 -12.74 8.27 0.34
C LEU A 152 -13.97 8.75 -0.42
N ASN A 153 -15.14 8.85 0.26
CA ASN A 153 -16.39 9.30 -0.38
C ASN A 153 -16.77 8.46 -1.59
N ARG A 154 -16.52 7.15 -1.53
CA ARG A 154 -16.79 6.23 -2.62
C ARG A 154 -16.06 6.57 -3.90
N LEU A 155 -14.93 7.23 -3.80
CA LEU A 155 -14.03 7.51 -4.91
C LEU A 155 -12.69 6.78 -4.64
N LEU A 156 -11.99 6.43 -5.69
CA LEU A 156 -10.70 5.73 -5.53
C LEU A 156 -9.62 6.72 -5.96
N TYR A 157 -8.68 7.05 -5.10
CA TYR A 157 -7.61 7.99 -5.41
C TYR A 157 -6.29 7.23 -5.65
N ALA A 158 -5.55 7.63 -6.69
CA ALA A 158 -4.22 7.09 -7.00
C ALA A 158 -3.27 8.29 -6.81
N VAL A 159 -2.30 8.14 -5.92
CA VAL A 159 -1.42 9.23 -5.46
C VAL A 159 0.06 8.95 -5.71
N GLY A 160 0.75 9.91 -6.33
CA GLY A 160 2.18 9.77 -6.55
C GLY A 160 2.59 8.58 -7.41
N GLY A 161 3.80 8.09 -7.19
CA GLY A 161 4.32 6.96 -7.94
C GLY A 161 5.41 7.36 -8.92
N PHE A 162 5.59 6.52 -9.93
CA PHE A 162 6.63 6.69 -10.96
C PHE A 162 5.97 6.24 -12.24
N ASP A 163 6.04 7.08 -13.30
CA ASP A 163 5.31 6.77 -14.55
C ASP A 163 6.13 6.06 -15.62
N GLY A 164 7.32 5.61 -15.29
CA GLY A 164 8.21 4.99 -16.26
C GLY A 164 9.32 5.96 -16.67
N THR A 165 9.11 7.28 -16.46
CA THR A 165 10.09 8.32 -16.78
C THR A 165 10.37 9.20 -15.56
N ASN A 166 9.30 9.69 -14.91
CA ASN A 166 9.45 10.59 -13.77
C ASN A 166 8.70 10.11 -12.55
N ARG A 167 9.24 10.45 -11.40
CA ARG A 167 8.55 10.26 -10.13
C ARG A 167 7.53 11.40 -10.05
N LEU A 168 6.41 11.11 -9.41
CA LEU A 168 5.25 11.96 -9.45
C LEU A 168 4.78 12.59 -8.17
N ASN A 169 4.37 13.88 -8.23
CA ASN A 169 3.61 14.49 -7.14
C ASN A 169 2.13 14.53 -7.53
N SER A 170 1.75 14.16 -8.78
CA SER A 170 0.37 14.22 -9.21
C SER A 170 -0.50 13.20 -8.49
N ALA A 171 -1.82 13.40 -8.55
CA ALA A 171 -2.80 12.45 -8.02
C ALA A 171 -4.06 12.56 -8.84
N GLU A 172 -4.81 11.47 -8.87
CA GLU A 172 -6.04 11.44 -9.63
C GLU A 172 -7.09 10.63 -8.90
N CYS A 173 -8.34 10.79 -9.31
CA CYS A 173 -9.48 10.19 -8.67
CA CYS A 173 -9.40 10.02 -8.67
C CYS A 173 -10.35 9.42 -9.66
N TYR A 174 -10.88 8.28 -9.27
CA TYR A 174 -11.76 7.45 -10.06
C TYR A 174 -13.16 7.54 -9.49
N TYR A 175 -14.13 7.69 -10.39
CA TYR A 175 -15.55 7.81 -10.11
C TYR A 175 -16.17 6.51 -10.56
N PRO A 176 -16.45 5.56 -9.64
CA PRO A 176 -16.99 4.26 -10.05
C PRO A 176 -18.32 4.30 -10.84
N GLU A 177 -19.24 5.19 -10.48
CA GLU A 177 -20.53 5.24 -11.20
C GLU A 177 -20.33 5.69 -12.64
N ARG A 178 -19.43 6.64 -12.86
CA ARG A 178 -19.15 7.18 -14.19
C ARG A 178 -18.11 6.36 -14.95
N ASN A 179 -17.31 5.54 -14.23
CA ASN A 179 -16.18 4.79 -14.79
C ASN A 179 -15.20 5.75 -15.47
N GLU A 180 -14.74 6.77 -14.74
CA GLU A 180 -13.79 7.74 -15.30
C GLU A 180 -12.85 8.28 -14.24
N TRP A 181 -11.70 8.78 -14.71
CA TRP A 181 -10.67 9.35 -13.85
C TRP A 181 -10.52 10.84 -14.13
N ARG A 182 -10.13 11.61 -13.09
CA ARG A 182 -9.86 13.04 -13.25
C ARG A 182 -8.66 13.36 -12.38
N MET A 183 -7.80 14.25 -12.85
CA MET A 183 -6.66 14.68 -12.05
C MET A 183 -7.16 15.53 -10.88
N ILE A 184 -6.53 15.41 -9.71
CA ILE A 184 -6.85 16.25 -8.57
C ILE A 184 -5.63 17.17 -8.28
N THR A 185 -5.68 17.97 -7.20
CA THR A 185 -4.56 18.81 -6.82
C THR A 185 -3.34 17.95 -6.51
N ALA A 186 -2.19 18.31 -7.11
CA ALA A 186 -0.93 17.62 -6.92
C ALA A 186 -0.39 17.87 -5.50
N MET A 187 0.33 16.88 -4.96
CA MET A 187 0.96 17.01 -3.65
C MET A 187 2.02 18.10 -3.66
N ASN A 188 2.40 18.56 -2.46
CA ASN A 188 3.53 19.49 -2.34
C ASN A 188 4.85 18.80 -2.76
N THR A 189 4.95 17.47 -2.52
CA THR A 189 6.18 16.74 -2.75
C THR A 189 6.00 15.59 -3.74
N ILE A 190 7.04 15.32 -4.53
CA ILE A 190 7.09 14.17 -5.40
C ILE A 190 7.29 12.95 -4.46
N ARG A 191 6.42 11.92 -4.57
CA ARG A 191 6.58 10.74 -3.71
C ARG A 191 6.36 9.48 -4.50
N SER A 192 7.42 8.75 -4.70
CA SER A 192 7.37 7.44 -5.35
C SER A 192 7.61 6.43 -4.21
N GLY A 193 6.72 5.44 -4.05
CA GLY A 193 6.87 4.46 -2.97
C GLY A 193 6.51 4.99 -1.59
N ALA A 194 5.57 5.92 -1.53
CA ALA A 194 5.07 6.43 -0.24
C ALA A 194 4.03 5.43 0.33
N GLY A 195 3.63 5.65 1.58
CA GLY A 195 2.51 4.97 2.18
C GLY A 195 1.34 5.95 2.07
N VAL A 196 0.18 5.48 1.58
CA VAL A 196 -1.01 6.35 1.45
C VAL A 196 -2.18 5.64 2.14
N CYS A 197 -2.94 6.39 2.94
CA CYS A 197 -4.10 5.84 3.65
C CYS A 197 -5.12 6.96 3.90
N VAL A 198 -6.28 6.59 4.45
CA VAL A 198 -7.31 7.57 4.78
C VAL A 198 -7.54 7.53 6.29
N LEU A 199 -7.61 8.71 6.91
CA LEU A 199 -7.92 8.83 8.32
C LEU A 199 -8.78 10.06 8.51
N HIS A 200 -9.96 9.90 9.16
CA HIS A 200 -10.84 11.02 9.48
C HIS A 200 -11.14 11.93 8.29
N ASN A 201 -11.53 11.32 7.16
CA ASN A 201 -11.95 12.05 5.96
C ASN A 201 -10.81 12.73 5.22
N CYS A 202 -9.57 12.35 5.49
CA CYS A 202 -8.42 12.95 4.83
C CYS A 202 -7.53 11.86 4.28
N ILE A 203 -6.82 12.17 3.18
CA ILE A 203 -5.84 11.25 2.64
C ILE A 203 -4.50 11.66 3.21
N TYR A 204 -3.71 10.70 3.66
CA TYR A 204 -2.36 10.97 4.14
C TYR A 204 -1.38 10.31 3.21
N ALA A 205 -0.29 11.00 2.89
CA ALA A 205 0.79 10.46 2.07
C ALA A 205 2.04 10.65 2.91
N ALA A 206 2.64 9.54 3.33
CA ALA A 206 3.82 9.54 4.21
C ALA A 206 5.04 8.94 3.53
N GLY A 207 6.18 9.63 3.66
CA GLY A 207 7.43 9.11 3.13
C GLY A 207 7.45 8.99 1.63
N GLY A 208 8.21 8.04 1.13
CA GLY A 208 8.40 7.91 -0.30
C GLY A 208 9.70 8.57 -0.72
N TYR A 209 9.96 8.56 -2.00
CA TYR A 209 11.22 9.04 -2.57
C TYR A 209 10.96 10.13 -3.58
N ASP A 210 11.63 11.28 -3.43
CA ASP A 210 11.34 12.42 -4.33
C ASP A 210 12.22 12.48 -5.58
N GLY A 211 13.03 11.46 -5.81
CA GLY A 211 13.98 11.42 -6.92
C GLY A 211 15.42 11.64 -6.45
N GLN A 212 15.59 12.22 -5.25
CA GLN A 212 16.92 12.46 -4.67
C GLN A 212 17.02 11.91 -3.25
N ASP A 213 15.99 12.18 -2.44
CA ASP A 213 16.01 11.80 -1.04
C ASP A 213 14.82 10.96 -0.60
N GLN A 214 15.07 10.06 0.37
CA GLN A 214 14.04 9.30 1.05
C GLN A 214 13.40 10.33 2.00
N LEU A 215 12.05 10.33 2.09
CA LEU A 215 11.35 11.34 2.85
C LEU A 215 10.81 10.92 4.18
N ASN A 216 10.87 11.83 5.16
CA ASN A 216 10.16 11.62 6.42
C ASN A 216 8.90 12.52 6.46
N SER A 217 8.72 13.44 5.46
CA SER A 217 7.59 14.33 5.46
C SER A 217 6.29 13.58 5.23
N VAL A 218 5.20 14.18 5.73
CA VAL A 218 3.86 13.57 5.65
C VAL A 218 2.92 14.69 5.29
N GLU A 219 2.06 14.48 4.28
CA GLU A 219 1.10 15.52 3.93
C GLU A 219 -0.30 14.96 3.86
N ARG A 220 -1.28 15.82 4.04
CA ARG A 220 -2.67 15.43 4.20
C ARG A 220 -3.53 16.20 3.24
N TYR A 221 -4.39 15.50 2.51
CA TYR A 221 -5.29 16.10 1.57
C TYR A 221 -6.64 16.32 2.21
N ASP A 222 -7.12 17.57 2.12
CA ASP A 222 -8.44 17.93 2.64
C ASP A 222 -9.35 18.07 1.44
N VAL A 223 -10.37 17.23 1.37
CA VAL A 223 -11.28 17.19 0.24
C VAL A 223 -12.00 18.52 -0.04
N ALA A 224 -12.61 19.12 0.99
CA ALA A 224 -13.41 20.35 0.82
C ALA A 224 -12.60 21.53 0.30
N THR A 225 -11.32 21.64 0.71
CA THR A 225 -10.47 22.73 0.23
C THR A 225 -9.58 22.32 -0.97
N ALA A 226 -9.51 20.99 -1.32
CA ALA A 226 -8.67 20.47 -2.39
C ALA A 226 -7.21 20.89 -2.19
N THR A 227 -6.74 20.83 -0.94
CA THR A 227 -5.38 21.21 -0.61
CA THR A 227 -5.40 21.27 -0.57
C THR A 227 -4.63 20.15 0.15
N TRP A 228 -3.32 20.11 -0.07
CA TRP A 228 -2.43 19.18 0.65
C TRP A 228 -1.66 20.06 1.67
N THR A 229 -1.69 19.66 2.93
CA THR A 229 -0.99 20.38 4.00
C THR A 229 0.00 19.45 4.68
N PHE A 230 1.20 19.92 4.99
CA PHE A 230 2.15 19.09 5.73
C PHE A 230 1.66 18.94 7.16
N VAL A 231 1.83 17.75 7.72
CA VAL A 231 1.56 17.50 9.13
C VAL A 231 2.93 17.09 9.77
N ALA A 232 2.96 16.58 11.01
CA ALA A 232 4.22 16.18 11.64
C ALA A 232 4.96 15.12 10.81
N PRO A 233 6.25 15.33 10.57
CA PRO A 233 7.02 14.33 9.85
C PRO A 233 7.37 13.11 10.75
N MET A 234 7.57 11.95 10.13
CA MET A 234 8.00 10.72 10.81
C MET A 234 9.40 10.87 11.40
N LYS A 235 9.73 10.03 12.39
CA LYS A 235 11.09 10.05 12.95
C LYS A 235 12.06 9.53 11.90
N HIS A 236 11.70 8.42 11.23
CA HIS A 236 12.59 7.80 10.26
C HIS A 236 12.08 7.92 8.85
N ARG A 237 12.86 8.58 7.98
CA ARG A 237 12.53 8.71 6.57
C ARG A 237 12.52 7.30 5.93
N ARG A 238 11.57 7.06 5.01
CA ARG A 238 11.42 5.72 4.48
C ARG A 238 10.57 5.68 3.24
N SER A 239 10.87 4.72 2.42
CA SER A 239 10.11 4.44 1.20
CA SER A 239 10.11 4.45 1.20
C SER A 239 9.76 2.97 1.18
N ALA A 240 8.77 2.57 0.36
CA ALA A 240 8.34 1.16 0.32
C ALA A 240 7.92 0.67 1.74
N LEU A 241 7.24 1.56 2.44
CA LEU A 241 6.75 1.30 3.77
C LEU A 241 5.36 0.69 3.67
N GLY A 242 5.01 -0.11 4.67
CA GLY A 242 3.64 -0.55 4.84
C GLY A 242 2.90 0.57 5.60
N ILE A 243 1.60 0.66 5.41
CA ILE A 243 0.81 1.68 6.10
C ILE A 243 -0.58 1.16 6.30
N THR A 244 -1.18 1.52 7.44
CA THR A 244 -2.57 1.16 7.69
C THR A 244 -3.12 2.09 8.80
N VAL A 245 -4.41 1.95 9.10
CA VAL A 245 -5.04 2.72 10.16
C VAL A 245 -5.66 1.73 11.13
N HIS A 246 -5.42 1.93 12.41
CA HIS A 246 -5.98 1.06 13.44
C HIS A 246 -6.42 1.94 14.60
N GLN A 247 -7.71 1.88 14.95
CA GLN A 247 -8.27 2.65 16.06
C GLN A 247 -7.94 4.14 16.03
N GLY A 248 -8.20 4.77 14.90
CA GLY A 248 -8.02 6.21 14.76
C GLY A 248 -6.59 6.69 14.65
N ARG A 249 -5.62 5.78 14.47
CA ARG A 249 -4.22 6.19 14.32
C ARG A 249 -3.59 5.53 13.10
N ILE A 250 -2.58 6.18 12.51
CA ILE A 250 -1.89 5.63 11.37
C ILE A 250 -0.67 4.86 11.86
N TYR A 251 -0.40 3.70 11.29
CA TYR A 251 0.81 2.95 11.59
C TYR A 251 1.61 2.79 10.31
N VAL A 252 2.91 3.09 10.36
CA VAL A 252 3.84 2.86 9.25
C VAL A 252 4.79 1.73 9.67
N LEU A 253 5.02 0.77 8.77
CA LEU A 253 5.79 -0.41 9.11
C LEU A 253 6.94 -0.62 8.17
N GLY A 254 8.15 -0.59 8.71
CA GLY A 254 9.31 -0.89 7.91
C GLY A 254 9.56 0.05 6.77
N GLY A 255 10.21 -0.47 5.74
CA GLY A 255 10.61 0.32 4.60
C GLY A 255 12.11 0.37 4.42
N TYR A 256 12.55 1.18 3.49
CA TYR A 256 13.98 1.32 3.18
C TYR A 256 14.32 2.80 3.23
N ASP A 257 15.45 3.17 3.87
CA ASP A 257 15.81 4.59 3.95
C ASP A 257 17.05 4.99 3.19
N GLY A 258 17.50 4.15 2.27
CA GLY A 258 18.72 4.44 1.52
C GLY A 258 19.94 3.68 2.04
N HIS A 259 19.83 3.15 3.27
CA HIS A 259 20.93 2.42 3.88
C HIS A 259 20.45 1.14 4.60
N THR A 260 19.33 1.24 5.30
CA THR A 260 18.83 0.15 6.12
C THR A 260 17.40 -0.29 5.71
N PHE A 261 17.12 -1.59 5.90
CA PHE A 261 15.77 -2.14 5.78
C PHE A 261 15.20 -2.07 7.20
N LEU A 262 14.29 -1.13 7.40
CA LEU A 262 13.78 -0.79 8.72
C LEU A 262 12.92 -1.82 9.37
N ASP A 263 13.08 -1.96 10.69
CA ASP A 263 12.10 -2.73 11.48
C ASP A 263 11.18 -1.77 12.27
N SER A 264 11.44 -0.46 12.23
CA SER A 264 10.68 0.55 12.95
C SER A 264 9.20 0.53 12.57
N VAL A 265 8.35 0.65 13.58
CA VAL A 265 6.91 0.84 13.38
C VAL A 265 6.60 2.14 14.09
N GLU A 266 6.07 3.15 13.37
CA GLU A 266 5.71 4.41 14.03
C GLU A 266 4.20 4.57 13.99
N CYS A 267 3.67 5.32 14.92
CA CYS A 267 2.23 5.52 15.04
C CYS A 267 1.88 7.01 15.13
N TYR A 268 0.99 7.49 14.23
CA TYR A 268 0.60 8.91 14.18
C TYR A 268 -0.74 9.11 14.88
N ASP A 269 -0.78 10.03 15.86
CA ASP A 269 -2.00 10.39 16.58
C ASP A 269 -2.46 11.72 15.99
N PRO A 270 -3.62 11.76 15.32
CA PRO A 270 -4.05 13.03 14.69
C PRO A 270 -4.47 14.11 15.70
N ASP A 271 -4.90 13.71 16.91
CA ASP A 271 -5.32 14.65 17.95
C ASP A 271 -4.15 15.50 18.42
N THR A 272 -2.97 14.90 18.56
CA THR A 272 -1.78 15.64 19.01
C THR A 272 -0.81 15.97 17.87
N ASP A 273 -1.06 15.42 16.65
CA ASP A 273 -0.19 15.61 15.49
C ASP A 273 1.25 15.19 15.82
N THR A 274 1.38 14.00 16.42
CA THR A 274 2.68 13.48 16.80
C THR A 274 2.83 12.03 16.37
N TRP A 275 4.07 11.65 16.07
CA TRP A 275 4.44 10.29 15.73
C TRP A 275 5.21 9.71 16.92
N SER A 276 4.91 8.46 17.27
CA SER A 276 5.63 7.78 18.34
CA SER A 276 5.61 7.77 18.35
C SER A 276 6.10 6.40 17.84
N GLU A 277 7.27 5.97 18.28
CA GLU A 277 7.81 4.65 17.90
C GLU A 277 7.13 3.66 18.84
N VAL A 278 6.41 2.64 18.31
CA VAL A 278 5.62 1.79 19.21
C VAL A 278 6.08 0.34 19.34
N THR A 279 6.84 -0.14 18.40
CA THR A 279 7.30 -1.53 18.38
C THR A 279 8.29 -1.61 17.22
N ARG A 280 8.86 -2.78 17.07
CA ARG A 280 9.63 -3.09 15.92
C ARG A 280 8.98 -4.33 15.32
N MET A 281 9.15 -4.45 14.01
CA MET A 281 8.81 -5.70 13.34
C MET A 281 9.86 -6.74 13.79
N THR A 282 9.52 -8.02 13.67
CA THR A 282 10.47 -9.08 14.08
C THR A 282 11.77 -9.09 13.29
N SER A 283 11.75 -8.51 12.10
CA SER A 283 12.96 -8.35 11.30
C SER A 283 12.72 -7.19 10.31
N GLY A 284 13.78 -6.44 10.03
CA GLY A 284 13.69 -5.31 9.11
C GLY A 284 13.37 -5.76 7.70
N ARG A 285 12.48 -5.03 7.03
CA ARG A 285 12.07 -5.38 5.69
C ARG A 285 11.37 -4.19 5.04
N SER A 286 11.30 -4.22 3.71
CA SER A 286 10.59 -3.17 2.97
C SER A 286 9.57 -3.85 2.01
N GLY A 287 8.70 -3.07 1.36
CA GLY A 287 7.81 -3.62 0.34
C GLY A 287 6.77 -4.60 0.81
N VAL A 288 6.32 -4.44 2.05
CA VAL A 288 5.27 -5.32 2.59
C VAL A 288 3.87 -4.86 2.12
N GLY A 289 2.90 -5.78 2.26
CA GLY A 289 1.48 -5.51 2.10
C GLY A 289 0.90 -5.50 3.52
N VAL A 290 -0.01 -4.57 3.82
CA VAL A 290 -0.55 -4.47 5.18
C VAL A 290 -2.05 -4.32 5.15
N ALA A 291 -2.74 -4.90 6.13
CA ALA A 291 -4.18 -4.67 6.28
C ALA A 291 -4.61 -4.98 7.71
N VAL A 292 -5.80 -4.48 8.11
CA VAL A 292 -6.28 -4.69 9.45
C VAL A 292 -7.57 -5.49 9.44
N THR A 293 -7.67 -6.50 10.33
CA THR A 293 -8.94 -7.23 10.50
C THR A 293 -8.96 -7.91 11.88
#